data_7UDO
#
_entry.id   7UDO
#
_cell.length_a   72.620
_cell.length_b   72.620
_cell.length_c   127.280
_cell.angle_alpha   90.000
_cell.angle_beta   90.000
_cell.angle_gamma   120.000
#
_symmetry.space_group_name_H-M   'P 32 2 1'
#
loop_
_entity.id
_entity.type
_entity.pdbx_description
1 polymer 'Designed helical repeat protein (DHR) RPB_LRP2_R4'
2 non-polymer 1,2-ETHANEDIOL
3 non-polymer 'PHOSPHATE ION'
#
_entity_poly.entity_id   1
_entity_poly.type   'polypeptide(L)'
_entity_poly.pdbx_seq_one_letter_code
;DREEAAFLAASILIQHAHEQGKDDRELEKILEIAIRILEKNGVDREEAAFLAASILIQHAHEQGKDDRELEKILEIAIRI
LEKNGVDREEAAFLAASILIQHAHEQGKDDRELEKILEIAIRILEKNGVDREEAAFLAASILIQHAHEQGKDDRELEKIL
EIAIRILEKNGV
;
_entity_poly.pdbx_strand_id   A
#
# COMPACT_ATOMS: atom_id res chain seq x y z
N ASP A 1 -17.53 18.30 1.94
CA ASP A 1 -17.15 17.97 0.56
C ASP A 1 -17.83 16.66 0.11
N ARG A 2 -18.26 16.61 -1.16
CA ARG A 2 -18.90 15.41 -1.70
C ARG A 2 -17.90 14.27 -1.88
N GLU A 3 -16.71 14.55 -2.45
CA GLU A 3 -15.66 13.54 -2.53
C GLU A 3 -15.32 12.99 -1.17
N GLU A 4 -15.25 13.88 -0.19
CA GLU A 4 -14.93 13.50 1.16
C GLU A 4 -16.05 12.66 1.77
N ALA A 5 -17.30 13.02 1.51
CA ALA A 5 -18.38 12.22 2.08
C ALA A 5 -18.33 10.80 1.52
N ALA A 6 -18.05 10.68 0.23
CA ALA A 6 -17.99 9.38 -0.41
C ALA A 6 -16.84 8.57 0.16
N PHE A 7 -15.70 9.22 0.38
CA PHE A 7 -14.57 8.52 0.94
C PHE A 7 -14.89 8.04 2.33
N LEU A 8 -15.55 8.87 3.12
CA LEU A 8 -15.93 8.42 4.46
C LEU A 8 -16.85 7.20 4.38
N ALA A 9 -17.85 7.23 3.49
CA ALA A 9 -18.76 6.09 3.38
C ALA A 9 -18.01 4.85 2.92
N ALA A 10 -17.13 5.01 1.94
CA ALA A 10 -16.33 3.87 1.49
C ALA A 10 -15.48 3.32 2.62
N SER A 11 -14.89 4.22 3.41
N SER A 11 -14.89 4.22 3.42
CA SER A 11 -14.05 3.78 4.53
CA SER A 11 -14.05 3.81 4.54
C SER A 11 -14.85 3.01 5.56
C SER A 11 -14.85 3.02 5.56
N ILE A 12 -16.03 3.52 5.92
CA ILE A 12 -16.86 2.83 6.88
C ILE A 12 -17.17 1.43 6.40
N LEU A 13 -17.60 1.33 5.16
CA LEU A 13 -18.00 0.04 4.61
C LEU A 13 -16.83 -0.92 4.54
N ILE A 14 -15.69 -0.48 4.01
CA ILE A 14 -14.58 -1.40 3.83
C ILE A 14 -14.05 -1.89 5.17
N GLN A 15 -13.94 -0.99 6.15
CA GLN A 15 -13.37 -1.36 7.44
C GLN A 15 -14.29 -2.30 8.21
N HIS A 16 -15.58 -2.06 8.15
CA HIS A 16 -16.51 -2.95 8.84
C HIS A 16 -16.49 -4.35 8.25
N ALA A 17 -16.41 -4.46 6.92
CA ALA A 17 -16.38 -5.77 6.31
C ALA A 17 -15.11 -6.51 6.69
N HIS A 18 -13.98 -5.82 6.70
CA HIS A 18 -12.72 -6.50 6.98
C HIS A 18 -12.66 -6.93 8.45
N GLU A 19 -13.34 -6.19 9.34
CA GLU A 19 -13.44 -6.56 10.75
C GLU A 19 -14.40 -7.70 11.01
N GLN A 20 -15.44 -7.87 10.19
CA GLN A 20 -16.33 -9.02 10.38
C GLN A 20 -15.66 -10.34 10.09
N GLY A 21 -14.48 -10.32 9.48
CA GLY A 21 -13.79 -11.56 9.17
C GLY A 21 -14.32 -12.13 7.87
N LYS A 22 -14.10 -11.37 6.79
CA LYS A 22 -14.73 -11.56 5.49
C LYS A 22 -13.70 -11.87 4.41
N ASP A 23 -13.89 -12.99 3.68
CA ASP A 23 -12.87 -13.58 2.82
C ASP A 23 -12.73 -12.80 1.52
N ASP A 24 -11.93 -13.38 0.62
CA ASP A 24 -11.50 -12.69 -0.59
C ASP A 24 -12.63 -12.37 -1.58
N ARG A 25 -13.59 -13.28 -1.83
CA ARG A 25 -14.62 -12.90 -2.81
C ARG A 25 -15.59 -11.88 -2.24
N GLU A 26 -16.21 -12.17 -1.10
CA GLU A 26 -17.12 -11.20 -0.50
C GLU A 26 -16.41 -9.86 -0.29
N LEU A 27 -15.13 -9.89 0.03
CA LEU A 27 -14.40 -8.64 0.13
C LEU A 27 -14.29 -7.96 -1.22
N GLU A 28 -14.15 -8.73 -2.31
CA GLU A 28 -14.04 -8.10 -3.62
C GLU A 28 -15.31 -7.31 -3.95
N LYS A 29 -16.50 -7.89 -3.71
CA LYS A 29 -17.74 -7.17 -3.96
C LYS A 29 -17.82 -5.87 -3.15
N ILE A 30 -17.37 -5.90 -1.90
CA ILE A 30 -17.36 -4.69 -1.07
C ILE A 30 -16.52 -3.60 -1.71
N LEU A 31 -15.34 -3.96 -2.19
CA LEU A 31 -14.44 -2.98 -2.80
C LEU A 31 -15.05 -2.39 -4.06
N GLU A 32 -15.64 -3.25 -4.90
CA GLU A 32 -16.30 -2.79 -6.10
C GLU A 32 -17.37 -1.75 -5.75
N ILE A 33 -18.18 -2.01 -4.73
CA ILE A 33 -19.21 -1.05 -4.32
C ILE A 33 -18.58 0.27 -3.93
N ALA A 34 -17.54 0.18 -3.11
CA ALA A 34 -16.86 1.38 -2.68
C ALA A 34 -16.37 2.19 -3.88
N ILE A 35 -15.72 1.51 -4.83
CA ILE A 35 -15.22 2.18 -6.03
C ILE A 35 -16.36 2.82 -6.82
N ARG A 36 -17.46 2.09 -7.03
CA ARG A 36 -18.60 2.66 -7.76
C ARG A 36 -19.15 3.88 -7.03
N ILE A 37 -19.25 3.80 -5.70
CA ILE A 37 -19.68 4.94 -4.89
C ILE A 37 -18.72 6.12 -5.04
N LEU A 38 -17.42 5.85 -5.13
CA LEU A 38 -16.47 6.94 -5.37
C LEU A 38 -16.64 7.59 -6.74
N GLU A 39 -16.74 6.78 -7.78
CA GLU A 39 -16.90 7.29 -9.13
C GLU A 39 -18.13 8.18 -9.26
N LYS A 40 -19.26 7.74 -8.70
CA LYS A 40 -20.51 8.49 -8.76
C LYS A 40 -20.38 9.88 -8.12
N ASN A 41 -19.28 10.15 -7.43
CA ASN A 41 -19.11 11.35 -6.62
C ASN A 41 -17.82 12.09 -7.00
N GLY A 42 -17.56 12.21 -8.30
CA GLY A 42 -16.53 13.10 -8.80
C GLY A 42 -15.10 12.66 -8.61
N VAL A 43 -14.85 11.37 -8.47
CA VAL A 43 -13.50 10.81 -8.45
C VAL A 43 -13.35 9.98 -9.71
N ASP A 44 -12.20 10.05 -10.36
CA ASP A 44 -12.13 9.26 -11.57
C ASP A 44 -11.86 7.80 -11.19
N ARG A 45 -11.82 6.93 -12.20
CA ARG A 45 -11.88 5.51 -11.93
C ARG A 45 -10.60 5.02 -11.27
N GLU A 46 -9.45 5.36 -11.83
CA GLU A 46 -8.19 4.93 -11.24
C GLU A 46 -8.02 5.46 -9.82
N GLU A 47 -8.38 6.73 -9.60
CA GLU A 47 -8.28 7.31 -8.26
C GLU A 47 -9.26 6.65 -7.31
N ALA A 48 -10.46 6.33 -7.77
CA ALA A 48 -11.40 5.63 -6.90
C ALA A 48 -10.85 4.25 -6.51
N ALA A 49 -10.23 3.54 -7.43
CA ALA A 49 -9.61 2.27 -7.06
C ALA A 49 -8.47 2.49 -6.09
N PHE A 50 -7.65 3.52 -6.34
CA PHE A 50 -6.54 3.80 -5.45
C PHE A 50 -7.03 4.09 -4.04
N LEU A 51 -8.08 4.91 -3.89
CA LEU A 51 -8.60 5.23 -2.56
C LEU A 51 -9.08 3.97 -1.84
N ALA A 52 -9.74 3.08 -2.56
CA ALA A 52 -10.19 1.84 -1.97
C ALA A 52 -9.02 0.98 -1.50
N ALA A 53 -7.98 0.90 -2.31
CA ALA A 53 -6.80 0.12 -1.93
C ALA A 53 -6.14 0.72 -0.70
N SER A 54 -6.08 2.07 -0.64
CA SER A 54 -5.51 2.74 0.53
C SER A 54 -6.29 2.42 1.78
N ILE A 55 -7.62 2.45 1.71
CA ILE A 55 -8.42 2.19 2.89
C ILE A 55 -8.16 0.78 3.39
N LEU A 56 -8.10 -0.16 2.45
CA LEU A 56 -7.95 -1.55 2.78
C LEU A 56 -6.61 -1.82 3.43
N ILE A 57 -5.54 -1.38 2.76
CA ILE A 57 -4.19 -1.69 3.20
C ILE A 57 -3.89 -1.04 4.53
N GLN A 58 -4.26 0.23 4.68
CA GLN A 58 -4.03 0.93 5.94
C GLN A 58 -4.80 0.27 7.07
N HIS A 59 -6.07 -0.08 6.82
CA HIS A 59 -6.86 -0.72 7.87
C HIS A 59 -6.25 -2.04 8.30
N ALA A 60 -5.79 -2.85 7.36
CA ALA A 60 -5.18 -4.12 7.70
C ALA A 60 -3.89 -3.92 8.51
N HIS A 61 -3.05 -2.96 8.11
CA HIS A 61 -1.79 -2.74 8.82
C HIS A 61 -2.03 -2.31 10.27
N GLU A 62 -3.11 -1.55 10.51
CA GLU A 62 -3.44 -1.08 11.85
C GLU A 62 -4.07 -2.15 12.74
N GLN A 63 -4.62 -3.21 12.16
CA GLN A 63 -5.19 -4.29 12.95
C GLN A 63 -4.15 -5.29 13.39
N GLY A 64 -2.92 -5.17 12.89
CA GLY A 64 -1.83 -6.02 13.35
C GLY A 64 -1.83 -7.36 12.64
N LYS A 65 -1.78 -7.32 11.31
CA LYS A 65 -1.84 -8.50 10.47
C LYS A 65 -0.44 -9.02 10.16
N ASP A 66 -0.21 -10.33 10.38
CA ASP A 66 1.11 -10.89 10.16
C ASP A 66 1.47 -10.78 8.67
N ASP A 67 2.74 -11.04 8.37
CA ASP A 67 3.25 -10.76 7.04
C ASP A 67 2.51 -11.57 5.95
N ARG A 68 1.89 -12.70 6.31
CA ARG A 68 1.25 -13.58 5.34
C ARG A 68 -0.08 -13.04 4.85
N GLU A 69 -1.01 -12.85 5.78
CA GLU A 69 -2.28 -12.28 5.38
C GLU A 69 -2.18 -10.82 5.01
N LEU A 70 -1.08 -10.16 5.38
CA LEU A 70 -0.90 -8.82 4.85
C LEU A 70 -0.64 -8.87 3.33
N GLU A 71 0.13 -9.84 2.83
CA GLU A 71 0.34 -9.82 1.39
C GLU A 71 -0.76 -10.55 0.62
N LYS A 72 -1.65 -11.28 1.27
CA LYS A 72 -2.93 -11.53 0.63
C LYS A 72 -3.67 -10.23 0.38
N ILE A 73 -3.68 -9.36 1.38
CA ILE A 73 -4.38 -8.08 1.26
C ILE A 73 -3.77 -7.23 0.17
N LEU A 74 -2.46 -7.21 0.07
CA LEU A 74 -1.83 -6.43 -0.98
C LEU A 74 -2.14 -7.03 -2.35
N GLU A 75 -2.11 -8.36 -2.48
N GLU A 75 -2.08 -8.37 -2.46
CA GLU A 75 -2.46 -8.92 -3.78
CA GLU A 75 -2.50 -9.08 -3.66
C GLU A 75 -3.92 -8.60 -4.15
C GLU A 75 -3.88 -8.61 -4.11
N ILE A 76 -4.82 -8.59 -3.16
CA ILE A 76 -6.21 -8.18 -3.43
C ILE A 76 -6.28 -6.74 -3.91
N ALA A 77 -5.54 -5.86 -3.27
CA ALA A 77 -5.49 -4.47 -3.70
C ALA A 77 -4.95 -4.33 -5.13
N ILE A 78 -3.92 -5.11 -5.46
CA ILE A 78 -3.32 -4.99 -6.78
C ILE A 78 -4.32 -5.39 -7.87
N ARG A 79 -5.05 -6.50 -7.68
CA ARG A 79 -6.01 -6.89 -8.71
C ARG A 79 -7.10 -5.84 -8.89
N ILE A 80 -7.54 -5.21 -7.80
CA ILE A 80 -8.55 -4.18 -7.92
C ILE A 80 -8.05 -2.99 -8.76
N LEU A 81 -6.82 -2.56 -8.53
CA LEU A 81 -6.21 -1.53 -9.37
C LEU A 81 -6.19 -1.96 -10.84
N GLU A 82 -5.73 -3.19 -11.13
CA GLU A 82 -5.72 -3.67 -12.51
C GLU A 82 -7.12 -3.68 -13.11
N LYS A 83 -8.11 -4.20 -12.37
CA LYS A 83 -9.43 -4.28 -12.94
C LYS A 83 -9.98 -2.92 -13.35
N ASN A 84 -9.37 -1.84 -12.87
CA ASN A 84 -9.82 -0.47 -13.10
C ASN A 84 -8.77 0.32 -13.89
N GLY A 85 -8.09 -0.35 -14.81
CA GLY A 85 -7.33 0.35 -15.83
C GLY A 85 -5.96 0.80 -15.41
N VAL A 86 -5.40 0.19 -14.39
CA VAL A 86 -4.04 0.45 -13.95
C VAL A 86 -3.16 -0.71 -14.38
N ASP A 87 -2.01 -0.38 -14.95
CA ASP A 87 -1.00 -1.37 -15.30
C ASP A 87 -0.62 -2.22 -14.09
N ARG A 88 -0.35 -3.51 -14.34
CA ARG A 88 0.01 -4.43 -13.25
C ARG A 88 1.25 -3.98 -12.50
N GLU A 89 2.31 -3.58 -13.20
CA GLU A 89 3.48 -3.08 -12.49
C GLU A 89 3.14 -1.81 -11.71
N GLU A 90 2.48 -0.85 -12.36
CA GLU A 90 2.06 0.36 -11.66
C GLU A 90 1.21 0.01 -10.45
N ALA A 91 0.37 -1.00 -10.59
CA ALA A 91 -0.52 -1.39 -9.50
C ALA A 91 0.28 -1.87 -8.30
N ALA A 92 1.31 -2.68 -8.53
CA ALA A 92 2.09 -3.18 -7.41
C ALA A 92 2.86 -2.03 -6.76
N PHE A 93 3.45 -1.17 -7.57
CA PHE A 93 4.09 0.03 -7.06
C PHE A 93 3.15 0.84 -6.19
N LEU A 94 1.91 1.04 -6.64
CA LEU A 94 0.99 1.80 -5.82
C LEU A 94 0.69 1.09 -4.49
N ALA A 95 0.61 -0.25 -4.49
CA ALA A 95 0.29 -0.93 -3.24
C ALA A 95 1.47 -0.84 -2.28
N ALA A 96 2.66 -1.03 -2.81
CA ALA A 96 3.88 -0.88 -2.04
C ALA A 96 3.99 0.53 -1.49
N SER A 97 3.69 1.52 -2.32
N SER A 97 3.68 1.53 -2.31
CA SER A 97 3.76 2.92 -1.88
CA SER A 97 3.78 2.91 -1.86
C SER A 97 2.82 3.19 -0.72
C SER A 97 2.81 3.19 -0.71
N ILE A 98 1.61 2.64 -0.78
CA ILE A 98 0.64 2.83 0.30
C ILE A 98 1.15 2.22 1.60
N LEU A 99 1.71 1.01 1.49
CA LEU A 99 2.13 0.25 2.67
C LEU A 99 3.28 0.93 3.36
N ILE A 100 4.34 1.21 2.61
CA ILE A 100 5.54 1.78 3.18
C ILE A 100 5.23 3.13 3.82
N GLN A 101 4.50 3.99 3.10
CA GLN A 101 4.18 5.29 3.65
C GLN A 101 3.39 5.18 4.94
N HIS A 102 2.37 4.31 4.93
CA HIS A 102 1.57 4.15 6.13
C HIS A 102 2.41 3.68 7.30
N ALA A 103 3.29 2.71 7.06
CA ALA A 103 4.19 2.26 8.11
C ALA A 103 5.08 3.39 8.61
N HIS A 104 5.65 4.19 7.70
CA HIS A 104 6.55 5.27 8.13
C HIS A 104 5.78 6.34 8.91
N GLU A 105 4.49 6.55 8.60
CA GLU A 105 3.73 7.56 9.33
C GLU A 105 3.20 7.06 10.67
N GLN A 106 3.05 5.76 10.87
CA GLN A 106 2.60 5.27 12.18
C GLN A 106 3.71 5.37 13.21
N GLY A 107 4.94 5.05 12.81
CA GLY A 107 6.04 5.09 13.75
C GLY A 107 6.73 3.75 13.99
N LYS A 108 6.79 2.91 12.94
CA LYS A 108 7.35 1.55 13.01
C LYS A 108 8.88 1.63 13.06
N ASP A 109 9.52 0.89 13.99
CA ASP A 109 10.97 1.03 14.21
C ASP A 109 11.72 0.30 13.10
N ASP A 110 13.05 0.25 13.23
CA ASP A 110 13.88 -0.22 12.13
C ASP A 110 13.60 -1.68 11.78
N ARG A 111 13.38 -2.53 12.79
CA ARG A 111 13.09 -3.93 12.50
C ARG A 111 11.76 -4.09 11.77
N GLU A 112 10.68 -3.53 12.33
CA GLU A 112 9.39 -3.60 11.64
C GLU A 112 9.41 -2.85 10.32
N LEU A 113 10.24 -1.82 10.20
CA LEU A 113 10.28 -1.08 8.94
C LEU A 113 10.94 -1.89 7.84
N GLU A 114 11.99 -2.67 8.17
CA GLU A 114 12.52 -3.56 7.15
C GLU A 114 11.54 -4.68 6.80
N LYS A 115 10.82 -5.23 7.79
CA LYS A 115 9.83 -6.26 7.47
C LYS A 115 8.87 -5.76 6.40
N ILE A 116 8.36 -4.53 6.57
CA ILE A 116 7.46 -3.90 5.61
C ILE A 116 8.12 -3.74 4.24
N LEU A 117 9.39 -3.33 4.21
CA LEU A 117 10.06 -3.13 2.93
C LEU A 117 10.22 -4.45 2.18
N GLU A 118 10.52 -5.53 2.91
CA GLU A 118 10.67 -6.83 2.27
C GLU A 118 9.32 -7.39 1.82
N ILE A 119 8.23 -7.08 2.52
CA ILE A 119 6.91 -7.41 2.00
C ILE A 119 6.65 -6.66 0.70
N ALA A 120 6.86 -5.35 0.71
CA ALA A 120 6.75 -4.56 -0.52
C ALA A 120 7.65 -5.10 -1.63
N ILE A 121 8.87 -5.54 -1.29
CA ILE A 121 9.74 -6.07 -2.35
C ILE A 121 9.17 -7.38 -2.92
N ARG A 122 8.71 -8.29 -2.05
CA ARG A 122 8.11 -9.55 -2.52
C ARG A 122 7.04 -9.27 -3.54
N ILE A 123 6.17 -8.32 -3.22
CA ILE A 123 5.03 -8.03 -4.06
C ILE A 123 5.39 -7.32 -5.36
N LEU A 124 6.37 -6.42 -5.34
CA LEU A 124 6.86 -5.88 -6.60
C LEU A 124 7.41 -6.97 -7.49
N GLU A 125 8.10 -7.94 -6.90
CA GLU A 125 8.76 -8.99 -7.65
C GLU A 125 7.78 -10.03 -8.17
N LYS A 126 6.74 -10.34 -7.39
CA LYS A 126 5.67 -11.23 -7.83
C LYS A 126 4.89 -10.66 -9.00
N ASN A 127 4.99 -9.37 -9.26
CA ASN A 127 4.15 -8.74 -10.26
C ASN A 127 5.04 -8.09 -11.32
N GLY A 128 6.11 -8.80 -11.66
CA GLY A 128 6.80 -8.60 -12.91
C GLY A 128 7.99 -7.69 -12.93
N VAL A 129 8.72 -7.55 -11.83
CA VAL A 129 9.95 -6.77 -11.85
C VAL A 129 10.97 -7.53 -11.04
N ASP A 130 12.24 -7.42 -11.45
CA ASP A 130 13.21 -8.31 -10.82
C ASP A 130 13.65 -7.76 -9.46
N ARG A 131 14.28 -8.64 -8.69
CA ARG A 131 14.59 -8.42 -7.28
C ARG A 131 15.26 -7.08 -7.08
N GLU A 132 16.22 -6.77 -7.95
CA GLU A 132 17.07 -5.61 -7.76
C GLU A 132 16.33 -4.30 -8.05
N GLU A 133 15.46 -4.31 -9.05
CA GLU A 133 14.62 -3.14 -9.33
C GLU A 133 13.56 -2.97 -8.26
N ALA A 134 13.01 -4.09 -7.78
CA ALA A 134 12.00 -3.99 -6.74
C ALA A 134 12.60 -3.40 -5.46
N ALA A 135 13.82 -3.79 -5.11
CA ALA A 135 14.47 -3.20 -3.95
C ALA A 135 14.72 -1.72 -4.18
N PHE A 136 15.16 -1.37 -5.37
CA PHE A 136 15.33 0.02 -5.70
C PHE A 136 14.04 0.80 -5.54
N LEU A 137 12.94 0.30 -6.12
CA LEU A 137 11.66 0.99 -6.01
C LEU A 137 11.24 1.19 -4.56
N ALA A 138 11.43 0.16 -3.72
CA ALA A 138 11.09 0.29 -2.31
C ALA A 138 11.94 1.35 -1.65
N ALA A 139 13.24 1.31 -1.92
CA ALA A 139 14.12 2.34 -1.40
C ALA A 139 13.65 3.71 -1.85
N SER A 140 13.21 3.81 -3.12
N SER A 140 13.22 3.84 -3.12
CA SER A 140 12.79 5.10 -3.64
CA SER A 140 12.81 5.15 -3.59
C SER A 140 11.59 5.62 -2.86
C SER A 140 11.58 5.64 -2.85
N ILE A 141 10.63 4.74 -2.59
CA ILE A 141 9.42 5.13 -1.88
C ILE A 141 9.79 5.68 -0.50
N LEU A 142 10.66 4.97 0.20
CA LEU A 142 10.96 5.33 1.57
C LEU A 142 11.66 6.68 1.63
N ILE A 143 12.71 6.82 0.83
CA ILE A 143 13.53 8.01 0.94
C ILE A 143 12.73 9.24 0.54
N GLN A 144 11.92 9.12 -0.52
CA GLN A 144 11.13 10.26 -0.99
C GLN A 144 10.06 10.64 0.02
N HIS A 145 9.39 9.66 0.59
CA HIS A 145 8.40 9.96 1.61
C HIS A 145 9.03 10.62 2.83
N ALA A 146 10.18 10.11 3.27
CA ALA A 146 10.84 10.71 4.42
C ALA A 146 11.24 12.16 4.17
N HIS A 147 11.77 12.46 2.97
CA HIS A 147 12.10 13.84 2.62
C HIS A 147 10.86 14.73 2.60
N GLU A 148 9.75 14.24 2.05
CA GLU A 148 8.55 15.05 1.97
C GLU A 148 7.90 15.29 3.32
N GLN A 149 8.02 14.33 4.24
CA GLN A 149 7.54 14.50 5.61
C GLN A 149 8.36 15.53 6.39
N GLY A 150 9.48 15.97 5.84
CA GLY A 150 10.30 16.98 6.49
C GLY A 150 11.19 16.43 7.58
N LYS A 151 11.66 15.20 7.43
CA LYS A 151 12.50 14.56 8.43
C LYS A 151 13.89 15.21 8.44
N ASP A 152 14.52 15.26 9.63
CA ASP A 152 15.75 16.03 9.81
C ASP A 152 16.95 15.22 9.31
N ASP A 153 18.14 15.82 9.43
CA ASP A 153 19.30 15.22 8.77
C ASP A 153 19.77 13.96 9.48
N ARG A 154 19.67 13.89 10.81
CA ARG A 154 19.88 12.61 11.48
C ARG A 154 18.93 11.55 10.97
N GLU A 155 17.63 11.85 10.96
CA GLU A 155 16.68 10.79 10.59
C GLU A 155 16.74 10.44 9.11
N LEU A 156 17.03 11.41 8.22
CA LEU A 156 17.26 11.05 6.82
C LEU A 156 18.42 10.08 6.64
N GLU A 157 19.55 10.31 7.34
CA GLU A 157 20.63 9.35 7.20
C GLU A 157 20.19 7.98 7.68
N LYS A 158 19.47 7.92 8.79
CA LYS A 158 19.00 6.62 9.25
C LYS A 158 18.13 5.97 8.19
N ILE A 159 17.26 6.75 7.55
CA ILE A 159 16.43 6.23 6.47
C ILE A 159 17.29 5.74 5.31
N LEU A 160 18.33 6.50 4.96
CA LEU A 160 19.17 6.04 3.86
C LEU A 160 19.92 4.78 4.24
N GLU A 161 20.31 4.65 5.50
CA GLU A 161 20.95 3.43 5.96
C GLU A 161 19.97 2.25 5.85
N ILE A 162 18.71 2.46 6.23
CA ILE A 162 17.69 1.43 6.02
C ILE A 162 17.69 1.00 4.56
N ALA A 163 17.63 1.97 3.66
CA ALA A 163 17.54 1.68 2.23
C ALA A 163 18.77 0.94 1.74
N ILE A 164 19.94 1.31 2.24
CA ILE A 164 21.15 0.64 1.78
C ILE A 164 21.14 -0.81 2.21
N ARG A 165 20.77 -1.11 3.46
CA ARG A 165 20.69 -2.50 3.88
C ARG A 165 19.71 -3.27 3.01
N ILE A 166 18.58 -2.67 2.68
CA ILE A 166 17.61 -3.27 1.77
C ILE A 166 18.23 -3.57 0.41
N LEU A 167 18.95 -2.62 -0.17
CA LEU A 167 19.53 -2.84 -1.49
C LEU A 167 20.57 -3.97 -1.47
N GLU A 168 21.54 -3.92 -0.56
CA GLU A 168 22.60 -4.92 -0.61
C GLU A 168 22.11 -6.28 -0.17
N LYS A 169 20.91 -6.34 0.39
CA LYS A 169 20.24 -7.58 0.76
C LYS A 169 19.60 -8.24 -0.45
N ASN A 170 19.59 -7.56 -1.59
CA ASN A 170 18.94 -8.01 -2.80
C ASN A 170 19.91 -7.94 -3.97
N GLY A 171 21.16 -8.33 -3.72
CA GLY A 171 22.14 -8.50 -4.77
C GLY A 171 22.80 -7.24 -5.31
N VAL A 172 22.66 -6.11 -4.63
CA VAL A 172 23.28 -4.89 -5.13
C VAL A 172 24.64 -4.77 -4.47
#